data_8FN8
#
_entry.id   8FN8
#
_cell.length_a   54.707
_cell.length_b   61.520
_cell.length_c   92.428
_cell.angle_alpha   90.000
_cell.angle_beta   90.000
_cell.angle_gamma   90.000
#
_symmetry.space_group_name_H-M   'P 21 21 21'
#
loop_
_entity.id
_entity.type
_entity.pdbx_description
1 polymer Tenascin
2 polymer 'Receptor-type tyrosine-protein phosphatase zeta'
3 non-polymer 'CALCIUM ION'
4 water water
#
loop_
_entity_poly.entity_id
_entity_poly.type
_entity_poly.pdbx_seq_one_letter_code
_entity_poly.pdbx_strand_id
1 'polypeptide(L)'
;GPGSGLLYPFPKDCSQAMLNGDTTSGLYTIYLNGDKAEALEVFCDMTSDGGGWIVFLRRKNGRENFYQNWKAYAAGFGDR
REEFWLGLDNLNKITAQGQYELRVDLRDHGETAFAVYDKFSVGDAKTRYKLKVEGYSGTAGDSMAYHNGRSFSTFDKDTD
SAITNCALSYKGAFWYRNCHRVNLMGRYGDNNHSQGVNWFHWKGHEHSIQFAEMKLRPSNFRNLEGRRKRA
;
A
2 'polypeptide(L)'
;GPGSVCSSEPENVQADPENYTSLLVTWERPRVVYDTMIEKFAVLYQQLDGEDQTKHEFLTDGYQDLGAILNNLLPNMSYV
LQIVAICTNGLYGKYSDQLIVDMPTD
;
B
#
loop_
_chem_comp.id
_chem_comp.type
_chem_comp.name
_chem_comp.formula
CA non-polymer 'CALCIUM ION' 'Ca 2'
#
# COMPACT_ATOMS: atom_id res chain seq x y z
N GLY A 5 4.18 10.24 36.94
CA GLY A 5 2.91 9.69 36.54
C GLY A 5 1.80 10.17 37.45
N LEU A 6 1.61 11.48 37.53
CA LEU A 6 0.70 12.08 38.49
C LEU A 6 -0.50 12.74 37.83
N LEU A 7 -0.32 13.56 36.80
CA LEU A 7 -1.49 14.12 36.11
C LEU A 7 -2.33 13.02 35.49
N TYR A 8 -1.70 12.12 34.73
CA TYR A 8 -2.35 10.94 34.16
C TYR A 8 -1.66 9.71 34.72
N PRO A 9 -2.14 9.16 35.83
CA PRO A 9 -1.46 7.99 36.40
C PRO A 9 -1.42 6.80 35.46
N PHE A 10 -2.36 6.71 34.53
CA PHE A 10 -2.40 5.66 33.52
C PHE A 10 -2.52 6.32 32.16
N PRO A 11 -1.42 6.85 31.63
CA PRO A 11 -1.48 7.60 30.37
C PRO A 11 -1.95 6.71 29.23
N LYS A 12 -2.89 7.22 28.44
CA LYS A 12 -3.47 6.44 27.35
C LYS A 12 -2.73 6.59 26.04
N ASP A 13 -1.74 7.48 25.97
CA ASP A 13 -0.87 7.56 24.81
C ASP A 13 0.43 8.26 25.22
N CYS A 14 1.34 8.39 24.25
CA CYS A 14 2.63 9.01 24.51
C CYS A 14 2.50 10.50 24.79
N SER A 15 1.41 11.12 24.36
CA SER A 15 1.23 12.54 24.66
C SER A 15 0.96 12.75 26.15
N GLN A 16 0.11 11.91 26.75
CA GLN A 16 -0.10 12.00 28.19
C GLN A 16 1.14 11.59 28.96
N ALA A 17 1.89 10.61 28.46
CA ALA A 17 3.16 10.25 29.09
C ALA A 17 4.11 11.43 29.09
N MET A 18 4.15 12.18 27.99
CA MET A 18 5.05 13.32 27.91
C MET A 18 4.61 14.42 28.88
N LEU A 19 3.30 14.61 29.02
CA LEU A 19 2.81 15.60 29.98
C LEU A 19 3.17 15.22 31.41
N ASN A 20 3.27 13.92 31.70
CA ASN A 20 3.71 13.49 33.02
C ASN A 20 5.18 13.82 33.29
N GLY A 21 5.91 14.28 32.28
CA GLY A 21 7.31 14.63 32.44
C GLY A 21 8.30 13.71 31.76
N ASP A 22 7.82 12.72 31.00
CA ASP A 22 8.69 11.81 30.26
C ASP A 22 9.02 12.44 28.90
N THR A 23 10.23 12.97 28.77
CA THR A 23 10.62 13.75 27.60
C THR A 23 11.71 13.11 26.77
N THR A 24 12.10 11.87 27.06
CA THR A 24 13.12 11.16 26.31
C THR A 24 12.45 10.03 25.53
N SER A 25 12.78 9.92 24.25
CA SER A 25 12.22 8.87 23.42
C SER A 25 12.64 7.50 23.94
N GLY A 26 11.77 6.51 23.77
CA GLY A 26 12.06 5.18 24.23
C GLY A 26 10.77 4.43 24.52
N LEU A 27 10.92 3.31 25.23
CA LEU A 27 9.80 2.44 25.54
C LEU A 27 9.06 2.94 26.77
N TYR A 28 7.73 3.01 26.68
CA TYR A 28 6.87 3.40 27.77
C TYR A 28 5.62 2.52 27.75
N THR A 29 5.00 2.35 28.91
CA THR A 29 3.73 1.64 29.00
C THR A 29 2.61 2.68 28.97
N ILE A 30 1.69 2.53 28.01
CA ILE A 30 0.46 3.29 27.99
C ILE A 30 -0.69 2.34 28.33
N TYR A 31 -1.86 2.92 28.57
CA TYR A 31 -3.02 2.18 29.06
C TYR A 31 -4.23 2.62 28.25
N LEU A 32 -4.69 1.78 27.34
CA LEU A 32 -5.79 2.16 26.46
C LEU A 32 -7.02 2.54 27.28
N ASN A 33 -7.63 3.67 26.92
CA ASN A 33 -8.79 4.22 27.63
C ASN A 33 -8.49 4.46 29.11
N GLY A 34 -7.21 4.71 29.42
CA GLY A 34 -6.84 4.94 30.81
C GLY A 34 -7.06 3.75 31.72
N ASP A 35 -7.23 2.56 31.15
CA ASP A 35 -7.56 1.35 31.90
C ASP A 35 -6.28 0.62 32.27
N LYS A 36 -6.07 0.41 33.57
CA LYS A 36 -4.86 -0.26 34.03
C LYS A 36 -4.78 -1.70 33.51
N ALA A 37 -5.91 -2.32 33.18
CA ALA A 37 -5.91 -3.68 32.68
C ALA A 37 -5.50 -3.78 31.22
N GLU A 38 -5.47 -2.67 30.49
CA GLU A 38 -5.18 -2.70 29.07
C GLU A 38 -3.82 -2.06 28.78
N ALA A 39 -2.79 -2.53 29.46
CA ALA A 39 -1.46 -1.98 29.26
C ALA A 39 -0.90 -2.39 27.91
N LEU A 40 -0.10 -1.50 27.33
CA LEU A 40 0.54 -1.73 26.04
C LEU A 40 1.88 -1.02 26.07
N GLU A 41 2.97 -1.74 25.83
CA GLU A 41 4.29 -1.13 25.78
C GLU A 41 4.53 -0.63 24.36
N VAL A 42 4.82 0.66 24.22
CA VAL A 42 5.01 1.30 22.93
C VAL A 42 6.32 2.05 22.95
N PHE A 43 6.80 2.38 21.75
CA PHE A 43 7.92 3.30 21.61
C PHE A 43 7.36 4.70 21.42
N CYS A 44 7.79 5.63 22.27
CA CYS A 44 7.38 7.02 22.17
C CYS A 44 8.48 7.85 21.53
N ASP A 45 8.12 8.59 20.47
CA ASP A 45 8.99 9.62 19.91
C ASP A 45 8.67 10.93 20.63
N MET A 46 9.59 11.38 21.48
CA MET A 46 9.35 12.57 22.31
C MET A 46 10.05 13.81 21.78
N THR A 47 10.59 13.79 20.56
CA THR A 47 11.33 14.93 20.04
C THR A 47 10.77 15.51 18.75
N SER A 48 10.11 14.71 17.90
CA SER A 48 9.64 15.23 16.61
C SER A 48 8.50 16.22 16.82
N ASP A 49 8.73 17.46 16.38
CA ASP A 49 7.77 18.56 16.49
C ASP A 49 7.10 18.62 17.87
N GLY A 50 7.93 18.68 18.90
CA GLY A 50 7.46 18.76 20.26
C GLY A 50 7.24 17.42 20.94
N GLY A 51 7.07 16.35 20.18
CA GLY A 51 7.03 15.01 20.74
C GLY A 51 5.65 14.52 21.08
N GLY A 52 5.62 13.41 21.81
CA GLY A 52 4.37 12.80 22.22
C GLY A 52 3.76 11.82 21.24
N TRP A 53 4.58 11.21 20.38
CA TRP A 53 4.10 10.35 19.30
C TRP A 53 4.26 8.88 19.69
N ILE A 54 3.22 8.09 19.46
CA ILE A 54 3.34 6.63 19.44
C ILE A 54 3.86 6.23 18.07
N VAL A 55 5.01 5.57 18.03
CA VAL A 55 5.50 5.01 16.76
C VAL A 55 4.81 3.67 16.55
N PHE A 56 4.25 3.46 15.36
CA PHE A 56 3.65 2.17 15.05
C PHE A 56 4.25 1.47 13.84
N LEU A 57 5.17 2.10 13.12
CA LEU A 57 5.96 1.45 12.08
C LEU A 57 7.35 2.06 12.09
N ARG A 58 8.36 1.20 12.00
CA ARG A 58 9.72 1.67 11.76
C ARG A 58 10.42 0.76 10.77
N ARG A 59 10.98 1.37 9.73
CA ARG A 59 11.91 0.72 8.81
C ARG A 59 13.24 1.46 8.92
N LYS A 60 14.34 0.71 9.00
CA LYS A 60 15.63 1.38 9.06
C LYS A 60 16.80 0.55 8.55
N ASN A 61 16.66 -0.76 8.46
CA ASN A 61 17.80 -1.56 8.02
C ASN A 61 17.44 -2.87 7.33
N GLY A 62 16.17 -3.22 7.19
CA GLY A 62 15.79 -4.41 6.45
C GLY A 62 15.98 -5.72 7.18
N ARG A 63 16.22 -5.68 8.48
CA ARG A 63 16.45 -6.92 9.22
C ARG A 63 15.17 -7.66 9.54
N GLU A 64 14.04 -6.96 9.62
CA GLU A 64 12.77 -7.58 9.99
C GLU A 64 11.95 -7.89 8.76
N ASN A 65 11.24 -9.02 8.81
CA ASN A 65 10.37 -9.44 7.71
C ASN A 65 9.03 -8.74 7.83
N PHE A 66 8.63 -8.02 6.78
CA PHE A 66 7.32 -7.39 6.72
C PHE A 66 6.38 -8.07 5.73
N TYR A 67 6.82 -9.15 5.09
CA TYR A 67 5.94 -9.97 4.26
C TYR A 67 5.32 -11.03 5.17
N GLN A 68 4.28 -10.62 5.89
CA GLN A 68 3.64 -11.46 6.88
C GLN A 68 2.14 -11.50 6.63
N ASN A 69 1.48 -12.47 7.26
CA ASN A 69 0.09 -12.76 6.97
C ASN A 69 -0.85 -11.89 7.80
N TRP A 70 -2.15 -12.10 7.59
CA TRP A 70 -3.16 -11.26 8.20
C TRP A 70 -3.07 -11.29 9.72
N LYS A 71 -2.90 -12.48 10.30
CA LYS A 71 -2.86 -12.59 11.76
C LYS A 71 -1.68 -11.81 12.33
N ALA A 72 -0.54 -11.83 11.65
CA ALA A 72 0.62 -11.09 12.14
C ALA A 72 0.37 -9.59 12.10
N TYR A 73 -0.24 -9.09 11.01
CA TYR A 73 -0.50 -7.66 10.92
C TYR A 73 -1.61 -7.22 11.86
N ALA A 74 -2.54 -8.12 12.19
CA ALA A 74 -3.53 -7.80 13.21
C ALA A 74 -2.89 -7.68 14.59
N ALA A 75 -1.96 -8.58 14.89
CA ALA A 75 -1.40 -8.68 16.23
C ALA A 75 -0.15 -7.86 16.44
N GLY A 76 0.59 -7.54 15.37
CA GLY A 76 1.86 -6.85 15.51
C GLY A 76 3.03 -7.81 15.56
N PHE A 77 4.20 -7.28 15.23
CA PHE A 77 5.43 -8.07 15.22
C PHE A 77 6.63 -7.15 15.29
N GLY A 78 7.75 -7.72 15.76
CA GLY A 78 9.03 -7.04 15.77
C GLY A 78 9.39 -6.46 17.13
N ASP A 79 10.67 -6.12 17.26
CA ASP A 79 11.18 -5.44 18.45
C ASP A 79 10.90 -3.95 18.34
N ARG A 80 10.16 -3.40 19.29
CA ARG A 80 9.72 -2.01 19.17
C ARG A 80 10.85 -1.01 19.32
N ARG A 81 12.05 -1.46 19.71
CA ARG A 81 13.21 -0.59 19.65
CA ARG A 81 13.26 -0.65 19.67
C ARG A 81 13.92 -0.65 18.31
N GLU A 82 13.52 -1.58 17.43
CA GLU A 82 14.13 -1.73 16.11
C GLU A 82 13.04 -1.62 15.04
N GLU A 83 13.08 -2.48 14.03
CA GLU A 83 12.03 -2.49 13.03
C GLU A 83 10.83 -3.27 13.56
N PHE A 84 9.63 -2.72 13.40
CA PHE A 84 8.46 -3.37 13.96
C PHE A 84 7.19 -2.81 13.35
N TRP A 85 6.09 -3.51 13.60
CA TRP A 85 4.73 -3.10 13.28
C TRP A 85 3.88 -3.28 14.54
N LEU A 86 3.19 -2.21 14.95
CA LEU A 86 2.51 -2.22 16.24
C LEU A 86 1.32 -3.17 16.26
N GLY A 87 0.64 -3.34 15.14
CA GLY A 87 -0.51 -4.23 15.06
C GLY A 87 -1.80 -3.47 14.81
N LEU A 88 -2.63 -4.01 13.91
CA LEU A 88 -3.84 -3.31 13.50
C LEU A 88 -4.89 -3.25 14.62
N ASP A 89 -4.98 -4.30 15.44
CA ASP A 89 -5.92 -4.25 16.57
C ASP A 89 -5.55 -3.12 17.52
N ASN A 90 -4.26 -2.98 17.83
CA ASN A 90 -3.80 -1.87 18.65
C ASN A 90 -4.12 -0.53 18.01
N LEU A 91 -3.86 -0.40 16.70
CA LEU A 91 -4.11 0.87 16.02
C LEU A 91 -5.58 1.25 16.07
N ASN A 92 -6.48 0.28 15.89
CA ASN A 92 -7.90 0.56 16.02
C ASN A 92 -8.23 1.06 17.42
N LYS A 93 -7.75 0.35 18.44
CA LYS A 93 -8.09 0.71 19.81
C LYS A 93 -7.54 2.08 20.17
N ILE A 94 -6.34 2.42 19.68
CA ILE A 94 -5.79 3.74 19.96
C ILE A 94 -6.58 4.82 19.21
N THR A 95 -6.79 4.64 17.91
CA THR A 95 -7.46 5.69 17.16
C THR A 95 -8.94 5.80 17.51
N ALA A 96 -9.50 4.84 18.24
CA ALA A 96 -10.89 4.94 18.68
C ALA A 96 -11.04 5.66 20.01
N GLN A 97 -9.98 5.79 20.80
CA GLN A 97 -10.08 6.44 22.11
C GLN A 97 -10.03 7.96 22.01
N GLY A 98 -9.85 8.50 20.80
CA GLY A 98 -9.88 9.94 20.62
C GLY A 98 -9.62 10.28 19.16
N GLN A 99 -9.35 11.55 18.91
CA GLN A 99 -9.05 12.04 17.56
C GLN A 99 -7.54 12.18 17.43
N TYR A 100 -6.94 11.40 16.52
CA TYR A 100 -5.50 11.33 16.37
C TYR A 100 -5.07 11.83 15.00
N GLU A 101 -3.87 12.39 14.95
CA GLU A 101 -3.23 12.79 13.70
C GLU A 101 -2.08 11.83 13.42
N LEU A 102 -1.74 11.71 12.14
CA LEU A 102 -0.68 10.83 11.67
C LEU A 102 0.52 11.67 11.25
N ARG A 103 1.71 11.21 11.59
CA ARG A 103 2.93 11.79 11.07
C ARG A 103 3.78 10.69 10.47
N VAL A 104 4.35 10.94 9.30
CA VAL A 104 5.30 10.05 8.66
C VAL A 104 6.62 10.80 8.53
N ASP A 105 7.70 10.21 9.04
CA ASP A 105 9.04 10.76 8.92
C ASP A 105 9.85 9.87 7.98
N LEU A 106 10.51 10.49 7.01
CA LEU A 106 11.26 9.79 5.98
C LEU A 106 12.68 10.33 5.91
N ARG A 107 13.65 9.42 5.74
CA ARG A 107 15.04 9.80 5.56
C ARG A 107 15.69 8.88 4.54
N ASP A 108 16.53 9.47 3.68
CA ASP A 108 17.19 8.71 2.64
C ASP A 108 18.43 9.48 2.16
N HIS A 109 19.61 8.90 2.39
CA HIS A 109 20.87 9.44 1.90
C HIS A 109 21.02 10.93 2.23
N GLY A 110 20.77 11.27 3.49
CA GLY A 110 20.99 12.60 3.99
C GLY A 110 19.87 13.58 3.77
N GLU A 111 18.84 13.21 3.02
CA GLU A 111 17.65 14.04 2.83
C GLU A 111 16.54 13.55 3.74
N THR A 112 15.72 14.47 4.22
CA THR A 112 14.59 14.12 5.07
C THR A 112 13.33 14.84 4.58
N ALA A 113 12.19 14.23 4.91
CA ALA A 113 10.89 14.80 4.60
C ALA A 113 9.88 14.24 5.59
N PHE A 114 8.74 14.91 5.68
CA PHE A 114 7.68 14.46 6.58
C PHE A 114 6.33 14.77 5.98
N ALA A 115 5.32 14.02 6.43
CA ALA A 115 3.93 14.30 6.11
C ALA A 115 3.12 14.19 7.39
N VAL A 116 2.16 15.09 7.56
CA VAL A 116 1.22 15.05 8.67
C VAL A 116 -0.20 15.05 8.11
N TYR A 117 -1.06 14.21 8.68
CA TYR A 117 -2.47 14.16 8.32
C TYR A 117 -3.29 14.45 9.56
N ASP A 118 -4.14 15.48 9.48
CA ASP A 118 -4.87 15.97 10.64
C ASP A 118 -5.80 14.93 11.23
N LYS A 119 -6.29 14.00 10.41
CA LYS A 119 -7.23 12.99 10.85
CA LYS A 119 -7.22 12.98 10.85
C LYS A 119 -6.73 11.63 10.40
N PHE A 120 -6.67 10.68 11.34
CA PHE A 120 -6.21 9.33 11.06
C PHE A 120 -6.95 8.38 11.99
N SER A 121 -7.59 7.36 11.41
CA SER A 121 -8.25 6.33 12.18
C SER A 121 -8.19 5.02 11.42
N VAL A 122 -8.19 3.92 12.18
CA VAL A 122 -8.24 2.57 11.63
C VAL A 122 -9.46 1.88 12.24
N GLY A 123 -10.32 1.31 11.40
CA GLY A 123 -11.48 0.60 11.87
C GLY A 123 -11.11 -0.73 12.52
N ASP A 124 -12.13 -1.40 13.06
CA ASP A 124 -11.89 -2.67 13.74
C ASP A 124 -11.85 -3.82 12.73
N ALA A 125 -11.64 -5.03 13.25
CA ALA A 125 -11.45 -6.18 12.38
C ALA A 125 -12.62 -6.38 11.43
N LYS A 126 -13.84 -6.08 11.88
CA LYS A 126 -15.01 -6.32 11.05
C LYS A 126 -15.10 -5.38 9.86
N THR A 127 -14.44 -4.22 9.93
CA THR A 127 -14.24 -3.37 8.78
C THR A 127 -13.00 -3.77 7.99
N ARG A 128 -12.35 -4.86 8.38
CA ARG A 128 -11.04 -5.23 7.83
CA ARG A 128 -11.04 -5.23 7.84
C ARG A 128 -10.07 -4.06 7.99
N TYR A 129 -10.14 -3.40 9.14
CA TYR A 129 -9.23 -2.32 9.53
C TYR A 129 -9.20 -1.19 8.50
N LYS A 130 -10.40 -0.73 8.14
CA LYS A 130 -10.52 0.32 7.13
C LYS A 130 -9.83 1.60 7.56
N LEU A 131 -9.09 2.20 6.63
CA LEU A 131 -8.31 3.39 6.89
C LEU A 131 -9.12 4.65 6.59
N LYS A 132 -9.02 5.62 7.48
CA LYS A 132 -9.46 6.97 7.22
C LYS A 132 -8.28 7.90 7.44
N VAL A 133 -7.99 8.72 6.46
CA VAL A 133 -6.83 9.62 6.53
C VAL A 133 -7.11 10.84 5.66
N GLU A 134 -6.93 12.02 6.22
CA GLU A 134 -7.19 13.24 5.47
C GLU A 134 -6.48 14.41 6.14
N GLY A 135 -6.31 15.49 5.36
CA GLY A 135 -5.77 16.73 5.87
C GLY A 135 -4.25 16.79 5.84
N TYR A 136 -3.68 16.80 4.64
CA TYR A 136 -2.22 16.72 4.50
C TYR A 136 -1.55 18.07 4.74
N SER A 137 -0.38 18.03 5.36
CA SER A 137 0.59 19.10 5.33
C SER A 137 1.97 18.48 5.46
N GLY A 138 2.99 19.18 4.96
CA GLY A 138 4.35 18.73 5.14
C GLY A 138 5.19 18.94 3.89
N THR A 139 6.26 18.13 3.78
CA THR A 139 7.22 18.22 2.69
C THR A 139 7.34 16.94 1.87
N ALA A 140 6.77 15.83 2.32
CA ALA A 140 6.89 14.57 1.61
C ALA A 140 5.93 14.45 0.43
N GLY A 141 4.88 15.25 0.40
CA GLY A 141 3.86 15.10 -0.63
C GLY A 141 2.72 14.21 -0.16
N ASP A 142 1.53 14.51 -0.66
CA ASP A 142 0.29 13.89 -0.18
C ASP A 142 0.08 12.57 -0.93
N SER A 143 0.72 11.52 -0.41
CA SER A 143 0.58 10.19 -0.99
C SER A 143 -0.45 9.32 -0.29
N MET A 144 -0.85 9.64 0.93
CA MET A 144 -1.81 8.79 1.63
C MET A 144 -3.26 9.04 1.21
N ALA A 145 -3.57 10.19 0.61
CA ALA A 145 -4.95 10.45 0.20
C ALA A 145 -5.46 9.38 -0.74
N TYR A 146 -4.58 8.81 -1.56
CA TYR A 146 -4.94 7.71 -2.45
C TYR A 146 -5.46 6.50 -1.68
N HIS A 147 -4.98 6.30 -0.46
CA HIS A 147 -5.31 5.12 0.33
C HIS A 147 -6.50 5.33 1.25
N ASN A 148 -6.97 6.57 1.39
CA ASN A 148 -8.13 6.85 2.22
C ASN A 148 -9.30 5.97 1.83
N GLY A 149 -9.92 5.33 2.82
CA GLY A 149 -11.10 4.52 2.60
C GLY A 149 -10.84 3.06 2.30
N ARG A 150 -9.58 2.65 2.21
CA ARG A 150 -9.26 1.27 1.85
C ARG A 150 -9.17 0.38 3.09
N SER A 151 -9.59 -0.87 2.93
CA SER A 151 -9.35 -1.89 3.93
CA SER A 151 -9.35 -1.88 3.94
C SER A 151 -7.92 -2.40 3.82
N PHE A 152 -7.46 -3.07 4.86
CA PHE A 152 -6.11 -3.61 4.86
C PHE A 152 -6.06 -4.91 4.07
N SER A 153 -4.91 -5.15 3.44
CA SER A 153 -4.72 -6.29 2.55
C SER A 153 -3.37 -6.94 2.86
N THR A 154 -3.37 -8.27 2.96
CA THR A 154 -2.16 -9.07 3.07
C THR A 154 -2.18 -10.12 1.95
N PHE A 155 -1.06 -10.82 1.77
CA PHE A 155 -0.99 -11.78 0.68
C PHE A 155 -2.03 -12.88 0.83
N ASP A 156 -2.45 -13.19 2.06
CA ASP A 156 -3.42 -14.26 2.29
C ASP A 156 -4.83 -13.74 2.52
N LYS A 157 -5.04 -12.42 2.50
CA LYS A 157 -6.39 -11.84 2.55
C LYS A 157 -6.40 -10.62 1.64
N ASP A 158 -6.73 -10.85 0.37
CA ASP A 158 -6.78 -9.81 -0.65
C ASP A 158 -8.10 -9.06 -0.55
N THR A 159 -8.05 -7.81 -0.11
CA THR A 159 -9.23 -6.95 -0.04
C THR A 159 -9.09 -5.73 -0.92
N ASP A 160 -8.07 -5.68 -1.77
CA ASP A 160 -7.76 -4.46 -2.50
C ASP A 160 -8.71 -4.29 -3.69
N SER A 161 -8.48 -3.22 -4.45
CA SER A 161 -9.32 -2.87 -5.60
C SER A 161 -8.77 -3.40 -6.91
N ALA A 162 -7.70 -4.20 -6.86
CA ALA A 162 -7.01 -4.65 -8.06
C ALA A 162 -7.48 -6.03 -8.49
N ILE A 163 -7.39 -6.29 -9.80
CA ILE A 163 -7.64 -7.62 -10.33
C ILE A 163 -6.64 -8.62 -9.75
N THR A 164 -5.39 -8.18 -9.59
CA THR A 164 -4.33 -9.01 -9.05
C THR A 164 -4.34 -8.90 -7.52
N ASN A 165 -3.30 -9.45 -6.90
CA ASN A 165 -3.13 -9.43 -5.44
C ASN A 165 -1.97 -8.49 -5.14
N CYS A 166 -2.29 -7.24 -4.79
CA CYS A 166 -1.26 -6.22 -4.59
C CYS A 166 -0.21 -6.69 -3.58
N ALA A 167 -0.66 -7.21 -2.44
CA ALA A 167 0.28 -7.59 -1.40
C ALA A 167 1.21 -8.69 -1.89
N LEU A 168 0.69 -9.62 -2.68
CA LEU A 168 1.52 -10.67 -3.24
C LEU A 168 2.44 -10.12 -4.32
N SER A 169 1.91 -9.27 -5.21
CA SER A 169 2.71 -8.74 -6.29
C SER A 169 3.83 -7.83 -5.77
N TYR A 170 3.52 -6.95 -4.83
CA TYR A 170 4.44 -5.91 -4.38
C TYR A 170 4.99 -6.20 -2.99
N LYS A 171 5.05 -7.48 -2.62
CA LYS A 171 5.88 -8.00 -1.53
C LYS A 171 5.73 -7.22 -0.24
N GLY A 172 4.48 -7.00 0.16
CA GLY A 172 4.22 -6.29 1.40
C GLY A 172 2.82 -6.48 1.89
N ALA A 173 2.37 -5.47 2.65
CA ALA A 173 1.04 -5.41 3.21
C ALA A 173 0.71 -3.95 3.38
N PHE A 174 -0.54 -3.58 3.13
CA PHE A 174 -0.93 -2.18 3.24
C PHE A 174 -2.43 -2.07 3.01
N TRP A 175 -2.94 -0.84 3.16
CA TRP A 175 -4.28 -0.48 2.73
C TRP A 175 -4.25 -0.25 1.21
N TYR A 176 -4.01 -1.34 0.49
CA TYR A 176 -3.80 -1.26 -0.94
C TYR A 176 -5.10 -0.92 -1.68
N ARG A 177 -4.95 -0.18 -2.78
CA ARG A 177 -6.04 0.05 -3.71
C ARG A 177 -5.71 -0.68 -4.99
N ASN A 178 -5.08 -0.04 -5.97
CA ASN A 178 -4.65 -0.73 -7.19
C ASN A 178 -3.48 0.00 -7.85
N CYS A 179 -2.32 0.06 -7.18
CA CYS A 179 -2.09 -0.58 -5.89
C CYS A 179 -1.68 0.39 -4.80
N HIS A 180 -0.70 1.27 -5.05
CA HIS A 180 -0.27 2.13 -3.96
C HIS A 180 0.48 3.35 -4.44
N ARG A 181 0.41 4.40 -3.63
CA ARG A 181 1.36 5.49 -3.63
C ARG A 181 2.23 5.47 -2.38
N VAL A 182 1.86 4.67 -1.38
CA VAL A 182 2.65 4.46 -0.17
C VAL A 182 2.80 2.96 0.01
N ASN A 183 4.03 2.52 0.26
CA ASN A 183 4.35 1.10 0.43
C ASN A 183 5.43 0.94 1.49
N LEU A 184 5.21 1.50 2.68
CA LEU A 184 6.24 1.54 3.70
C LEU A 184 6.45 0.20 4.40
N MET A 185 5.60 -0.79 4.14
CA MET A 185 5.85 -2.16 4.56
C MET A 185 6.31 -3.04 3.40
N GLY A 186 6.88 -2.43 2.36
CA GLY A 186 7.39 -3.16 1.23
C GLY A 186 8.76 -3.76 1.50
N ARG A 187 9.38 -4.26 0.44
CA ARG A 187 10.64 -4.99 0.58
C ARG A 187 11.79 -4.00 0.68
N TYR A 188 12.59 -4.15 1.73
CA TYR A 188 13.66 -3.19 1.99
C TYR A 188 14.71 -3.22 0.89
N GLY A 189 15.12 -2.02 0.46
CA GLY A 189 16.20 -1.89 -0.51
C GLY A 189 15.86 -2.28 -1.94
N ASP A 190 14.58 -2.45 -2.25
CA ASP A 190 14.16 -2.96 -3.56
C ASP A 190 13.71 -1.80 -4.43
N ASN A 191 14.56 -1.38 -5.35
CA ASN A 191 14.26 -0.25 -6.23
C ASN A 191 13.46 -0.65 -7.47
N ASN A 192 13.15 -1.93 -7.65
CA ASN A 192 12.25 -2.34 -8.72
C ASN A 192 10.88 -1.68 -8.55
N HIS A 193 10.24 -1.36 -9.67
CA HIS A 193 9.04 -0.52 -9.69
C HIS A 193 7.99 -1.02 -8.70
N SER A 194 7.64 -0.18 -7.73
CA SER A 194 6.57 -0.37 -6.76
C SER A 194 6.83 -1.48 -5.75
N GLN A 195 8.04 -2.03 -5.69
CA GLN A 195 8.29 -3.17 -4.81
CA GLN A 195 8.35 -3.17 -4.84
C GLN A 195 8.93 -2.79 -3.48
N GLY A 196 9.49 -1.58 -3.36
CA GLY A 196 10.23 -1.20 -2.19
C GLY A 196 9.46 -0.34 -1.21
N VAL A 197 10.21 0.27 -0.30
CA VAL A 197 9.70 1.20 0.69
C VAL A 197 9.46 2.53 -0.01
N ASN A 198 8.26 2.71 -0.57
CA ASN A 198 7.98 3.80 -1.48
C ASN A 198 7.11 4.86 -0.81
N TRP A 199 7.42 6.13 -1.08
CA TRP A 199 6.53 7.25 -0.83
C TRP A 199 6.50 8.04 -2.14
N PHE A 200 5.44 7.84 -2.94
CA PHE A 200 5.50 8.21 -4.35
C PHE A 200 5.81 9.69 -4.54
N HIS A 201 5.12 10.56 -3.82
CA HIS A 201 5.31 11.98 -4.08
C HIS A 201 6.63 12.51 -3.56
N TRP A 202 7.43 11.71 -2.86
CA TRP A 202 8.77 12.13 -2.49
C TRP A 202 9.84 11.52 -3.40
N LYS A 203 9.85 10.20 -3.56
CA LYS A 203 10.90 9.53 -4.32
C LYS A 203 10.37 8.60 -5.41
N GLY A 204 9.07 8.58 -5.66
CA GLY A 204 8.54 7.78 -6.74
C GLY A 204 8.43 6.30 -6.42
N HIS A 205 8.32 5.51 -7.50
CA HIS A 205 8.09 4.08 -7.40
C HIS A 205 9.34 3.24 -7.63
N GLU A 206 10.45 3.84 -8.05
CA GLU A 206 11.68 3.10 -8.32
C GLU A 206 12.81 3.52 -7.40
N HIS A 207 12.48 3.89 -6.16
CA HIS A 207 13.49 4.26 -5.17
C HIS A 207 12.97 3.84 -3.81
N SER A 208 13.64 2.87 -3.19
CA SER A 208 13.26 2.38 -1.87
C SER A 208 13.91 3.25 -0.80
N ILE A 209 13.10 3.70 0.16
CA ILE A 209 13.54 4.67 1.16
C ILE A 209 14.25 3.97 2.31
N GLN A 210 15.35 4.58 2.78
CA GLN A 210 16.19 3.93 3.78
C GLN A 210 15.53 3.90 5.16
N PHE A 211 14.82 4.97 5.53
CA PHE A 211 14.28 5.10 6.88
C PHE A 211 12.87 5.65 6.82
N ALA A 212 11.95 5.04 7.56
CA ALA A 212 10.58 5.51 7.58
C ALA A 212 9.96 5.15 8.92
N GLU A 213 9.25 6.12 9.50
CA GLU A 213 8.46 5.90 10.70
C GLU A 213 7.08 6.49 10.49
N MET A 214 6.06 5.74 10.92
CA MET A 214 4.70 6.25 11.04
C MET A 214 4.36 6.32 12.53
N LYS A 215 3.69 7.39 12.93
CA LYS A 215 3.45 7.65 14.34
C LYS A 215 2.17 8.44 14.49
N LEU A 216 1.61 8.43 15.71
CA LEU A 216 0.35 9.11 15.95
CA LEU A 216 0.31 9.01 16.00
C LEU A 216 0.34 9.76 17.32
N ARG A 217 -0.45 10.83 17.41
CA ARG A 217 -0.69 11.57 18.64
C ARG A 217 -2.00 12.32 18.50
N PRO A 218 -2.60 12.76 19.62
CA PRO A 218 -3.90 13.45 19.51
C PRO A 218 -3.81 14.68 18.64
N SER A 219 -4.87 14.93 17.88
N SER A 219 -4.87 14.93 17.88
CA SER A 219 -4.94 16.13 17.07
CA SER A 219 -4.94 16.13 17.07
C SER A 219 -4.93 17.35 17.98
C SER A 219 -4.93 17.35 17.98
N ASN A 220 -4.24 18.40 17.54
CA ASN A 220 -4.05 19.62 18.34
C ASN A 220 -3.32 19.30 19.64
N PHE A 221 -2.25 18.52 19.53
CA PHE A 221 -1.32 18.35 20.66
C PHE A 221 -0.05 19.15 20.38
N VAL B 5 8.63 3.91 -29.55
CA VAL B 5 8.24 4.97 -28.63
C VAL B 5 7.60 4.40 -27.36
N CYS B 6 7.50 5.24 -26.33
CA CYS B 6 6.88 4.89 -25.06
C CYS B 6 7.67 3.84 -24.30
N SER B 7 7.59 2.58 -24.71
CA SER B 7 8.21 1.51 -23.94
C SER B 7 8.42 0.27 -24.79
N SER B 8 9.19 -0.67 -24.24
CA SER B 8 9.27 -2.01 -24.81
C SER B 8 7.99 -2.77 -24.49
N GLU B 9 7.94 -4.04 -24.86
CA GLU B 9 6.67 -4.75 -24.81
C GLU B 9 6.39 -5.30 -23.41
N PRO B 10 5.12 -5.38 -23.02
CA PRO B 10 4.78 -6.17 -21.83
C PRO B 10 5.24 -7.62 -22.00
N GLU B 11 5.72 -8.21 -20.92
CA GLU B 11 6.35 -9.52 -20.95
C GLU B 11 5.48 -10.57 -20.27
N ASN B 12 5.70 -11.83 -20.65
CA ASN B 12 5.11 -12.99 -19.99
C ASN B 12 3.60 -12.84 -19.84
N VAL B 13 2.94 -12.57 -20.97
CA VAL B 13 1.49 -12.51 -20.97
C VAL B 13 0.93 -13.92 -20.78
N GLN B 14 -0.05 -14.05 -19.91
CA GLN B 14 -0.70 -15.32 -19.63
C GLN B 14 -2.19 -15.08 -19.49
N ALA B 15 -2.98 -16.09 -19.85
CA ALA B 15 -4.43 -15.94 -19.81
C ALA B 15 -5.09 -17.27 -19.54
N ASP B 16 -6.06 -17.28 -18.63
CA ASP B 16 -6.82 -18.46 -18.28
C ASP B 16 -8.31 -18.11 -18.19
N PRO B 17 -9.19 -18.92 -18.75
CA PRO B 17 -10.62 -18.69 -18.51
C PRO B 17 -10.89 -18.63 -17.01
N GLU B 18 -11.69 -17.65 -16.60
CA GLU B 18 -12.08 -17.56 -15.19
C GLU B 18 -13.39 -18.31 -14.97
N ASN B 19 -14.46 -17.84 -15.61
CA ASN B 19 -15.73 -18.56 -15.60
C ASN B 19 -16.10 -18.92 -17.04
N TYR B 20 -17.37 -19.26 -17.26
CA TYR B 20 -17.79 -19.76 -18.56
C TYR B 20 -17.59 -18.72 -19.67
N THR B 21 -17.65 -17.43 -19.32
CA THR B 21 -17.64 -16.37 -20.32
C THR B 21 -16.62 -15.28 -20.03
N SER B 22 -15.66 -15.53 -19.13
CA SER B 22 -14.69 -14.52 -18.74
CA SER B 22 -14.69 -14.51 -18.76
C SER B 22 -13.28 -15.10 -18.81
N LEU B 23 -12.31 -14.20 -18.85
CA LEU B 23 -10.90 -14.54 -19.03
C LEU B 23 -10.06 -13.63 -18.14
N LEU B 24 -9.10 -14.22 -17.43
CA LEU B 24 -8.17 -13.47 -16.59
C LEU B 24 -6.82 -13.43 -17.29
N VAL B 25 -6.35 -12.23 -17.61
CA VAL B 25 -5.09 -12.05 -18.31
C VAL B 25 -4.15 -11.28 -17.39
N THR B 26 -2.89 -11.70 -17.36
CA THR B 26 -1.86 -11.03 -16.59
C THR B 26 -0.62 -10.85 -17.45
N TRP B 27 0.23 -9.92 -17.05
CA TRP B 27 1.46 -9.62 -17.78
C TRP B 27 2.45 -8.98 -16.82
N GLU B 28 3.65 -8.71 -17.32
CA GLU B 28 4.72 -8.09 -16.56
C GLU B 28 5.09 -6.75 -17.19
N ARG B 29 5.61 -5.85 -16.36
CA ARG B 29 5.88 -4.50 -16.80
C ARG B 29 6.96 -4.49 -17.88
N PRO B 30 6.83 -3.66 -18.91
CA PRO B 30 7.92 -3.52 -19.89
C PRO B 30 9.24 -3.23 -19.21
N ARG B 31 10.31 -3.83 -19.75
CA ARG B 31 11.64 -3.67 -19.17
C ARG B 31 12.23 -2.28 -19.43
N VAL B 32 11.88 -1.65 -20.56
CA VAL B 32 12.47 -0.39 -20.98
C VAL B 32 11.37 0.63 -21.21
N VAL B 33 11.52 1.81 -20.64
CA VAL B 33 10.65 2.96 -20.89
C VAL B 33 11.53 4.07 -21.43
N TYR B 34 11.11 4.68 -22.54
CA TYR B 34 12.04 5.47 -23.33
C TYR B 34 12.20 6.91 -22.82
N ASP B 35 11.11 7.68 -22.82
CA ASP B 35 11.17 9.02 -22.28
C ASP B 35 10.01 9.28 -21.31
N THR B 36 8.82 9.45 -21.87
CA THR B 36 7.61 9.61 -21.09
C THR B 36 7.39 8.37 -20.21
N MET B 37 6.51 8.52 -19.22
CA MET B 37 6.22 7.44 -18.29
C MET B 37 5.01 6.64 -18.72
N ILE B 38 4.96 5.37 -18.30
CA ILE B 38 3.77 4.56 -18.57
C ILE B 38 2.63 5.03 -17.69
N GLU B 39 1.47 5.28 -18.31
CA GLU B 39 0.27 5.71 -17.61
C GLU B 39 -0.72 4.57 -17.40
N LYS B 40 -0.88 3.69 -18.38
CA LYS B 40 -1.83 2.60 -18.30
C LYS B 40 -1.48 1.57 -19.36
N PHE B 41 -2.28 0.50 -19.43
CA PHE B 41 -2.12 -0.54 -20.43
C PHE B 41 -3.43 -0.73 -21.17
N ALA B 42 -3.32 -1.18 -22.42
CA ALA B 42 -4.47 -1.57 -23.22
C ALA B 42 -4.40 -3.08 -23.48
N VAL B 43 -5.55 -3.74 -23.30
CA VAL B 43 -5.69 -5.15 -23.62
C VAL B 43 -6.51 -5.22 -24.90
N LEU B 44 -5.88 -5.67 -25.97
CA LEU B 44 -6.49 -5.70 -27.30
C LEU B 44 -6.80 -7.13 -27.67
N TYR B 45 -8.07 -7.41 -27.99
CA TYR B 45 -8.46 -8.79 -28.27
C TYR B 45 -9.55 -8.84 -29.32
N GLN B 46 -9.60 -9.96 -30.03
CA GLN B 46 -10.58 -10.18 -31.08
C GLN B 46 -10.72 -11.68 -31.29
N GLN B 47 -11.85 -12.08 -31.86
CA GLN B 47 -12.04 -13.48 -32.21
C GLN B 47 -10.96 -13.92 -33.19
N LEU B 48 -10.43 -15.11 -32.96
CA LEU B 48 -9.41 -15.66 -33.87
C LEU B 48 -10.03 -16.18 -35.15
N ASP B 49 -10.92 -17.17 -35.04
CA ASP B 49 -11.47 -17.84 -36.21
C ASP B 49 -12.97 -17.61 -36.38
N GLY B 50 -13.54 -16.62 -35.68
CA GLY B 50 -14.94 -16.32 -35.80
C GLY B 50 -15.23 -15.25 -36.84
N GLU B 51 -16.52 -15.09 -37.15
CA GLU B 51 -16.94 -14.14 -38.18
C GLU B 51 -16.93 -12.71 -37.67
N ASP B 52 -17.15 -12.50 -36.37
CA ASP B 52 -17.18 -11.17 -35.78
C ASP B 52 -15.75 -10.71 -35.53
N GLN B 53 -15.25 -9.84 -36.40
CA GLN B 53 -13.87 -9.38 -36.33
C GLN B 53 -13.73 -8.07 -35.56
N THR B 54 -14.75 -7.68 -34.80
CA THR B 54 -14.66 -6.50 -33.95
C THR B 54 -13.38 -6.55 -33.13
N LYS B 55 -12.62 -5.46 -33.19
CA LYS B 55 -11.41 -5.33 -32.38
C LYS B 55 -11.77 -4.62 -31.08
N HIS B 56 -11.54 -5.29 -29.96
CA HIS B 56 -11.89 -4.75 -28.65
C HIS B 56 -10.64 -4.21 -27.95
N GLU B 57 -10.85 -3.16 -27.15
CA GLU B 57 -9.77 -2.53 -26.41
C GLU B 57 -10.26 -2.27 -25.00
N PHE B 58 -9.67 -2.94 -24.01
CA PHE B 58 -9.90 -2.66 -22.61
C PHE B 58 -8.72 -1.88 -22.06
N LEU B 59 -8.99 -0.72 -21.47
CA LEU B 59 -7.97 0.13 -20.87
C LEU B 59 -7.94 -0.09 -19.36
N THR B 60 -6.75 -0.32 -18.82
CA THR B 60 -6.61 -0.50 -17.38
C THR B 60 -6.70 0.84 -16.66
N ASP B 61 -6.98 0.77 -15.36
CA ASP B 61 -6.96 1.94 -14.47
C ASP B 61 -5.58 1.99 -13.84
N GLY B 62 -4.69 2.76 -14.46
CA GLY B 62 -3.35 2.91 -13.94
C GLY B 62 -2.38 1.87 -14.45
N TYR B 63 -1.18 1.90 -13.87
CA TYR B 63 -0.05 1.15 -14.37
C TYR B 63 0.49 0.09 -13.42
N GLN B 64 -0.13 -0.10 -12.25
CA GLN B 64 0.37 -1.07 -11.28
C GLN B 64 -0.38 -2.40 -11.28
N ASP B 65 -1.66 -2.40 -11.63
CA ASP B 65 -2.49 -3.61 -11.61
C ASP B 65 -2.29 -4.33 -12.93
N LEU B 66 -1.35 -5.28 -12.93
CA LEU B 66 -0.92 -5.95 -14.16
C LEU B 66 -1.80 -7.16 -14.45
N GLY B 67 -3.11 -6.91 -14.49
CA GLY B 67 -4.06 -7.94 -14.81
C GLY B 67 -5.36 -7.31 -15.23
N ALA B 68 -6.15 -8.09 -15.97
CA ALA B 68 -7.47 -7.64 -16.40
C ALA B 68 -8.36 -8.87 -16.51
N ILE B 69 -9.64 -8.65 -16.27
CA ILE B 69 -10.67 -9.66 -16.52
C ILE B 69 -11.51 -9.18 -17.69
N LEU B 70 -11.52 -9.98 -18.76
CA LEU B 70 -12.35 -9.70 -19.91
C LEU B 70 -13.65 -10.48 -19.76
N ASN B 71 -14.78 -9.79 -19.93
CA ASN B 71 -16.09 -10.38 -19.77
C ASN B 71 -16.79 -10.48 -21.12
N ASN B 72 -17.93 -11.17 -21.12
CA ASN B 72 -18.81 -11.26 -22.29
C ASN B 72 -18.13 -11.95 -23.46
N LEU B 73 -17.30 -12.94 -23.17
CA LEU B 73 -16.68 -13.74 -24.22
C LEU B 73 -17.55 -14.96 -24.51
N LEU B 74 -17.37 -15.51 -25.72
CA LEU B 74 -18.25 -16.59 -26.16
C LEU B 74 -17.63 -17.94 -25.89
N PRO B 75 -18.34 -18.88 -25.28
CA PRO B 75 -17.81 -20.24 -25.14
C PRO B 75 -17.57 -20.86 -26.51
N ASN B 76 -16.64 -21.82 -26.55
CA ASN B 76 -16.33 -22.56 -27.78
C ASN B 76 -15.78 -21.64 -28.86
N MET B 77 -15.00 -20.66 -28.46
CA MET B 77 -14.42 -19.69 -29.38
C MET B 77 -13.00 -19.36 -28.93
N SER B 78 -12.10 -19.23 -29.89
CA SER B 78 -10.73 -18.85 -29.62
CA SER B 78 -10.73 -18.86 -29.63
C SER B 78 -10.56 -17.36 -29.81
N TYR B 79 -9.70 -16.76 -28.99
CA TYR B 79 -9.42 -15.33 -29.02
C TYR B 79 -7.92 -15.12 -29.07
N VAL B 80 -7.51 -14.05 -29.73
CA VAL B 80 -6.11 -13.62 -29.75
C VAL B 80 -6.04 -12.27 -29.05
N LEU B 81 -5.03 -12.09 -28.21
CA LEU B 81 -4.90 -10.82 -27.50
C LEU B 81 -3.45 -10.38 -27.47
N GLN B 82 -3.28 -9.08 -27.27
CA GLN B 82 -1.98 -8.45 -27.09
C GLN B 82 -2.12 -7.38 -26.03
N ILE B 83 -1.05 -7.13 -25.29
CA ILE B 83 -0.99 -6.08 -24.29
C ILE B 83 -0.03 -5.01 -24.79
N VAL B 84 -0.34 -3.74 -24.50
CA VAL B 84 0.53 -2.64 -24.89
C VAL B 84 0.46 -1.56 -23.84
N ALA B 85 1.60 -0.94 -23.57
CA ALA B 85 1.67 0.18 -22.65
C ALA B 85 1.28 1.47 -23.37
N ILE B 86 0.64 2.37 -22.63
CA ILE B 86 0.31 3.70 -23.11
C ILE B 86 0.95 4.71 -22.18
N CYS B 87 1.64 5.69 -22.75
CA CYS B 87 2.43 6.64 -21.99
C CYS B 87 1.67 7.95 -21.80
N THR B 88 2.20 8.79 -20.92
CA THR B 88 1.49 10.01 -20.52
C THR B 88 1.24 10.94 -21.69
N ASN B 89 2.05 10.87 -22.76
CA ASN B 89 1.83 11.67 -23.96
C ASN B 89 0.91 10.99 -24.97
N GLY B 90 0.28 9.87 -24.59
CA GLY B 90 -0.67 9.20 -25.44
C GLY B 90 -0.09 8.19 -26.40
N LEU B 91 1.24 8.09 -26.48
CA LEU B 91 1.86 7.17 -27.42
C LEU B 91 1.85 5.74 -26.90
N TYR B 92 1.67 4.81 -27.82
CA TYR B 92 1.67 3.38 -27.53
C TYR B 92 3.08 2.81 -27.65
N GLY B 93 3.44 1.95 -26.71
CA GLY B 93 4.69 1.24 -26.77
C GLY B 93 4.60 0.01 -27.67
N LYS B 94 5.63 -0.83 -27.57
CA LYS B 94 5.69 -2.04 -28.36
C LYS B 94 4.66 -3.05 -27.89
N TYR B 95 3.97 -3.69 -28.84
CA TYR B 95 2.93 -4.65 -28.48
C TYR B 95 3.55 -5.96 -28.02
N SER B 96 2.92 -6.59 -27.04
CA SER B 96 3.33 -7.91 -26.61
C SER B 96 3.19 -8.90 -27.76
N ASP B 97 3.82 -10.05 -27.62
CA ASP B 97 3.57 -11.15 -28.54
C ASP B 97 2.10 -11.56 -28.43
N GLN B 98 1.55 -12.02 -29.55
CA GLN B 98 0.16 -12.47 -29.54
C GLN B 98 0.00 -13.71 -28.68
N LEU B 99 -1.12 -13.77 -27.96
CA LEU B 99 -1.48 -14.93 -27.15
C LEU B 99 -2.84 -15.43 -27.61
N ILE B 100 -2.93 -16.71 -27.92
CA ILE B 100 -4.17 -17.34 -28.36
C ILE B 100 -4.77 -18.07 -27.17
N VAL B 101 -6.03 -17.78 -26.86
CA VAL B 101 -6.75 -18.40 -25.77
C VAL B 101 -8.01 -19.06 -26.32
N ASP B 102 -8.28 -20.30 -25.90
CA ASP B 102 -9.47 -21.03 -26.29
C ASP B 102 -10.44 -21.06 -25.11
N MET B 103 -11.64 -20.56 -25.32
CA MET B 103 -12.67 -20.67 -24.29
C MET B 103 -13.33 -22.04 -24.40
N PRO B 104 -13.50 -22.76 -23.29
CA PRO B 104 -14.14 -24.09 -23.38
C PRO B 104 -15.60 -23.98 -23.81
N THR B 105 -16.16 -25.12 -24.17
CA THR B 105 -17.59 -25.23 -24.47
C THR B 105 -18.34 -25.56 -23.18
CA CA C . -7.19 -8.04 -5.63
#